data_4GC1
#
_entry.id   4GC1
#
_cell.length_a   149.474
_cell.length_b   153.140
_cell.length_c   33.956
_cell.angle_alpha   90.00
_cell.angle_beta   90.00
_cell.angle_gamma   90.00
#
_symmetry.space_group_name_H-M   'P 21 21 2'
#
loop_
_entity.id
_entity.type
_entity.pdbx_description
1 polymer 'Putidacin L1'
2 branched alpha-D-mannopyranose-(1-2)-alpha-D-mannopyranose
3 water water
#
_entity_poly.entity_id   1
_entity_poly.type   'polypeptide(L)'
_entity_poly.pdbx_seq_one_letter_code
;MAGRTRIPFNGVGTSVLPAYQTLSAGQYLLSPNQRFKLLLQGDGNLVIQDNGATVWVANEQQPFSSTIPLRNKKAPLAFY
VQYGAFLDDYSRRRVWLTDNSTFTSNDQWNRTHLVLQDDGNIVLVDSLALWNGTPAIPLVPGAIDSLLLAPGSELVQGVV
YGAGASKLVFQGDGNLVAYGPNGAATWNAGTQGKGAVRAVFQGDGNLVVYGAGNAVLWHSHTGGHASAVLRLQANGSIAI
LDEKPVWARFGFQPTYRHIRKINPDQKPIDIWTWHF
;
_entity_poly.pdbx_strand_id   A,B
#
# COMPACT_ATOMS: atom_id res chain seq x y z
N ALA A 2 -26.20 -7.74 3.59
CA ALA A 2 -24.90 -8.04 3.03
C ALA A 2 -24.02 -6.80 3.10
N GLY A 3 -24.54 -5.69 2.60
CA GLY A 3 -23.71 -4.52 2.50
C GLY A 3 -24.43 -3.20 2.33
N ARG A 4 -23.60 -2.17 2.31
CA ARG A 4 -24.06 -0.81 2.10
CA ARG A 4 -24.09 -0.81 2.11
C ARG A 4 -24.51 -0.63 0.66
N THR A 5 -25.64 0.03 0.44
CA THR A 5 -26.07 0.37 -0.91
C THR A 5 -26.00 1.89 -1.02
N ARG A 6 -25.99 2.41 -2.25
CA ARG A 6 -25.80 3.84 -2.46
C ARG A 6 -27.11 4.60 -2.49
N ILE A 7 -27.08 5.84 -2.00
CA ILE A 7 -28.22 6.75 -2.13
C ILE A 7 -27.81 7.93 -3.03
N PRO A 8 -28.80 8.68 -3.58
CA PRO A 8 -28.37 9.78 -4.44
C PRO A 8 -27.74 10.92 -3.64
N PHE A 9 -26.70 11.53 -4.20
CA PHE A 9 -26.07 12.70 -3.63
C PHE A 9 -27.05 13.87 -3.65
N ASN A 10 -27.12 14.62 -2.56
CA ASN A 10 -27.95 15.82 -2.51
C ASN A 10 -27.22 16.99 -1.87
N GLY A 11 -25.93 17.12 -2.13
CA GLY A 11 -25.15 18.20 -1.54
C GLY A 11 -24.43 19.05 -2.57
N VAL A 12 -25.10 19.32 -3.68
CA VAL A 12 -24.51 20.10 -4.77
C VAL A 12 -23.99 21.45 -4.27
N GLY A 13 -22.75 21.76 -4.57
CA GLY A 13 -22.19 23.04 -4.20
C GLY A 13 -21.45 23.04 -2.89
N THR A 14 -21.50 21.92 -2.16
CA THR A 14 -20.67 21.78 -0.97
C THR A 14 -19.32 21.22 -1.40
N SER A 15 -18.42 21.06 -0.43
CA SER A 15 -17.06 20.65 -0.75
C SER A 15 -16.79 19.17 -0.51
N VAL A 16 -17.82 18.40 -0.19
CA VAL A 16 -17.60 17.01 0.19
C VAL A 16 -18.62 16.02 -0.43
N LEU A 17 -18.11 14.91 -0.94
CA LEU A 17 -18.95 13.81 -1.44
C LEU A 17 -18.84 12.67 -0.45
N PRO A 18 -19.90 12.45 0.34
CA PRO A 18 -19.84 11.38 1.35
C PRO A 18 -19.75 9.98 0.72
N ALA A 19 -19.32 9.00 1.51
CA ALA A 19 -19.30 7.59 1.08
C ALA A 19 -20.66 7.12 0.61
N TYR A 20 -20.66 6.27 -0.41
CA TYR A 20 -21.88 5.61 -0.87
C TYR A 20 -22.98 6.58 -1.26
N GLN A 21 -22.59 7.70 -1.86
CA GLN A 21 -23.56 8.61 -2.45
C GLN A 21 -23.25 8.82 -3.93
N THR A 22 -24.29 8.69 -4.75
CA THR A 22 -24.11 8.72 -6.18
C THR A 22 -24.19 10.14 -6.71
N LEU A 23 -23.07 10.64 -7.20
CA LEU A 23 -23.04 11.92 -7.91
C LEU A 23 -23.37 11.66 -9.38
N SER A 24 -24.40 12.32 -9.89
CA SER A 24 -24.83 12.08 -11.26
CA SER A 24 -24.92 12.11 -11.29
C SER A 24 -24.57 13.32 -12.13
N ALA A 25 -24.85 13.21 -13.42
CA ALA A 25 -24.47 14.24 -14.37
C ALA A 25 -25.14 15.57 -14.03
N GLY A 26 -24.36 16.65 -14.07
CA GLY A 26 -24.90 17.96 -13.80
C GLY A 26 -24.62 18.41 -12.37
N GLN A 27 -24.39 17.44 -11.49
CA GLN A 27 -24.03 17.70 -10.10
C GLN A 27 -22.55 18.05 -9.92
N TYR A 28 -22.26 18.85 -8.90
CA TYR A 28 -20.90 19.36 -8.70
C TYR A 28 -20.56 19.65 -7.25
N LEU A 29 -19.27 19.60 -6.94
CA LEU A 29 -18.75 20.07 -5.67
C LEU A 29 -18.12 21.42 -5.93
N LEU A 30 -18.05 22.26 -4.90
CA LEU A 30 -17.28 23.52 -4.96
C LEU A 30 -16.33 23.56 -3.79
N SER A 31 -15.12 24.08 -3.98
CA SER A 31 -14.23 24.27 -2.83
C SER A 31 -14.87 25.31 -1.91
N PRO A 32 -14.50 25.31 -0.62
CA PRO A 32 -15.14 26.31 0.27
C PRO A 32 -14.95 27.76 -0.21
N ASN A 33 -13.82 28.08 -0.84
CA ASN A 33 -13.63 29.42 -1.36
C ASN A 33 -14.31 29.66 -2.72
N GLN A 34 -15.02 28.66 -3.23
CA GLN A 34 -15.79 28.75 -4.49
C GLN A 34 -14.94 28.89 -5.75
N ARG A 35 -13.61 28.87 -5.60
CA ARG A 35 -12.74 28.99 -6.77
C ARG A 35 -12.78 27.74 -7.66
N PHE A 36 -12.79 26.56 -7.04
CA PHE A 36 -12.75 25.31 -7.79
C PHE A 36 -14.08 24.58 -7.81
N LYS A 37 -14.40 23.96 -8.94
CA LYS A 37 -15.61 23.17 -9.08
C LYS A 37 -15.26 21.80 -9.64
N LEU A 38 -15.80 20.75 -9.02
CA LEU A 38 -15.64 19.40 -9.54
C LEU A 38 -16.97 19.01 -10.15
N LEU A 39 -16.97 18.78 -11.45
CA LEU A 39 -18.20 18.65 -12.20
C LEU A 39 -18.24 17.35 -13.00
N LEU A 40 -19.30 16.58 -12.84
CA LEU A 40 -19.56 15.47 -13.75
C LEU A 40 -20.41 15.96 -14.94
N GLN A 41 -19.79 16.06 -16.10
CA GLN A 41 -20.48 16.54 -17.30
C GLN A 41 -21.35 15.48 -17.95
N GLY A 42 -22.31 15.93 -18.75
CA GLY A 42 -23.23 15.04 -19.41
C GLY A 42 -22.56 14.14 -20.44
N ASP A 43 -21.38 14.53 -20.92
CA ASP A 43 -20.65 13.73 -21.90
C ASP A 43 -19.86 12.60 -21.24
N GLY A 44 -19.91 12.53 -19.91
CA GLY A 44 -19.24 11.46 -19.19
C GLY A 44 -17.84 11.81 -18.70
N ASN A 45 -17.41 13.05 -18.92
CA ASN A 45 -16.14 13.49 -18.36
C ASN A 45 -16.32 14.05 -16.94
N LEU A 46 -15.43 13.64 -16.04
CA LEU A 46 -15.38 14.20 -14.69
C LEU A 46 -14.27 15.25 -14.66
N VAL A 47 -14.65 16.46 -14.33
CA VAL A 47 -13.83 17.62 -14.60
C VAL A 47 -13.66 18.51 -13.37
N ILE A 48 -12.48 19.12 -13.23
CA ILE A 48 -12.29 20.20 -12.27
C ILE A 48 -12.11 21.52 -13.01
N GLN A 49 -12.90 22.53 -12.64
CA GLN A 49 -12.74 23.86 -13.22
C GLN A 49 -12.20 24.86 -12.23
N ASP A 50 -11.36 25.76 -12.73
CA ASP A 50 -10.70 26.77 -11.92
C ASP A 50 -11.19 28.14 -12.36
N ASN A 51 -11.98 28.79 -11.51
CA ASN A 51 -12.70 30.00 -11.89
C ASN A 51 -13.32 29.84 -13.27
N GLY A 52 -13.89 28.67 -13.51
CA GLY A 52 -14.70 28.41 -14.69
C GLY A 52 -13.93 27.83 -15.86
N ALA A 53 -12.64 27.60 -15.69
CA ALA A 53 -11.80 27.04 -16.74
C ALA A 53 -11.35 25.63 -16.40
N THR A 54 -11.62 24.68 -17.31
CA THR A 54 -11.28 23.28 -17.06
C THR A 54 -9.77 23.11 -16.96
N VAL A 55 -9.30 22.55 -15.84
CA VAL A 55 -7.87 22.39 -15.63
C VAL A 55 -7.50 20.94 -15.32
N TRP A 56 -8.50 20.07 -15.27
CA TRP A 56 -8.27 18.64 -15.02
C TRP A 56 -9.42 17.80 -15.54
N VAL A 57 -9.09 16.65 -16.10
CA VAL A 57 -10.10 15.69 -16.54
C VAL A 57 -9.66 14.34 -16.04
N ALA A 58 -10.60 13.53 -15.56
CA ALA A 58 -10.29 12.21 -15.07
C ALA A 58 -10.05 11.26 -16.24
N ASN A 59 -8.81 10.82 -16.40
CA ASN A 59 -8.50 9.80 -17.41
C ASN A 59 -7.27 8.96 -17.08
N GLU A 60 -6.82 8.16 -18.05
CA GLU A 60 -5.75 7.17 -17.85
C GLU A 60 -4.42 7.85 -17.54
N GLN A 61 -4.33 9.12 -17.88
CA GLN A 61 -3.13 9.91 -17.63
C GLN A 61 -2.94 10.33 -16.17
N GLN A 62 -3.97 10.19 -15.35
CA GLN A 62 -3.86 10.51 -13.91
C GLN A 62 -3.05 9.46 -13.13
N PRO A 63 -1.95 9.91 -12.52
CA PRO A 63 -1.16 9.02 -11.66
C PRO A 63 -2.00 8.36 -10.57
N PHE A 64 -1.65 7.13 -10.22
CA PHE A 64 -2.35 6.36 -9.19
C PHE A 64 -3.84 6.26 -9.44
N SER A 65 -4.21 6.02 -10.70
CA SER A 65 -5.60 5.68 -11.04
C SER A 65 -5.55 4.52 -12.02
N SER A 66 -6.65 3.80 -12.13
CA SER A 66 -6.73 2.70 -13.08
C SER A 66 -8.00 2.86 -13.90
N THR A 67 -7.95 2.40 -15.15
CA THR A 67 -9.13 2.34 -15.98
C THR A 67 -9.36 0.89 -16.43
N ILE A 68 -10.56 0.37 -16.17
CA ILE A 68 -10.92 -1.01 -16.52
C ILE A 68 -12.22 -1.02 -17.33
N PRO A 69 -12.48 -2.11 -18.08
CA PRO A 69 -13.70 -2.20 -18.89
C PRO A 69 -14.97 -2.16 -18.07
N LEU A 70 -15.98 -1.45 -18.57
CA LEU A 70 -17.31 -1.51 -17.98
C LEU A 70 -18.18 -2.28 -18.95
N ARG A 71 -18.64 -3.46 -18.54
CA ARG A 71 -19.39 -4.31 -19.44
C ARG A 71 -20.89 -4.01 -19.40
N ASN A 72 -21.35 -3.48 -18.27
CA ASN A 72 -22.78 -3.29 -18.04
C ASN A 72 -23.39 -2.10 -18.79
N LYS A 73 -24.17 -2.40 -19.81
CA LYS A 73 -24.84 -1.38 -20.62
C LYS A 73 -25.87 -0.58 -19.84
N LYS A 74 -26.39 -1.18 -18.77
CA LYS A 74 -27.46 -0.56 -18.00
C LYS A 74 -26.97 0.31 -16.85
N ALA A 75 -25.66 0.47 -16.75
CA ALA A 75 -25.08 1.25 -15.64
C ALA A 75 -25.08 2.74 -15.97
N PRO A 76 -25.83 3.53 -15.20
CA PRO A 76 -25.93 4.97 -15.46
C PRO A 76 -24.59 5.67 -15.27
N LEU A 77 -24.43 6.81 -15.92
CA LEU A 77 -23.29 7.67 -15.67
C LEU A 77 -23.31 8.09 -14.21
N ALA A 78 -22.27 7.69 -13.47
CA ALA A 78 -22.22 7.94 -12.03
C ALA A 78 -20.78 8.03 -11.51
N PHE A 79 -20.60 8.85 -10.47
CA PHE A 79 -19.34 8.97 -9.76
C PHE A 79 -19.64 8.78 -8.28
N TYR A 80 -18.88 7.92 -7.61
CA TYR A 80 -19.15 7.64 -6.20
C TYR A 80 -17.91 7.13 -5.47
N VAL A 81 -17.97 7.19 -4.15
CA VAL A 81 -16.85 6.80 -3.30
C VAL A 81 -17.23 5.58 -2.45
N GLN A 82 -16.41 4.54 -2.52
CA GLN A 82 -16.57 3.34 -1.71
C GLN A 82 -15.17 2.92 -1.37
N TYR A 83 -14.61 3.61 -0.37
CA TYR A 83 -13.17 3.69 -0.11
C TYR A 83 -12.41 4.33 -1.28
N GLY A 84 -12.29 3.60 -2.38
CA GLY A 84 -11.78 4.19 -3.61
C GLY A 84 -12.89 5.02 -4.25
N ALA A 85 -12.54 5.93 -5.15
CA ALA A 85 -13.55 6.61 -5.96
C ALA A 85 -13.70 5.92 -7.32
N PHE A 86 -14.90 5.96 -7.87
CA PHE A 86 -15.22 5.23 -9.11
C PHE A 86 -16.06 6.11 -10.02
N LEU A 87 -15.69 6.15 -11.30
CA LEU A 87 -16.50 6.80 -12.31
C LEU A 87 -17.00 5.73 -13.29
N ASP A 88 -18.32 5.52 -13.33
CA ASP A 88 -18.91 4.57 -14.28
C ASP A 88 -19.33 5.30 -15.53
N ASP A 89 -18.62 5.05 -16.62
CA ASP A 89 -18.88 5.77 -17.86
C ASP A 89 -19.06 4.81 -19.02
N TYR A 90 -20.31 4.36 -19.23
CA TYR A 90 -20.58 3.36 -20.25
C TYR A 90 -20.31 3.88 -21.66
N SER A 91 -20.44 5.19 -21.85
CA SER A 91 -20.24 5.80 -23.17
C SER A 91 -18.83 5.52 -23.71
N ARG A 92 -17.89 5.28 -22.79
CA ARG A 92 -16.53 4.92 -23.18
C ARG A 92 -16.12 3.54 -22.65
N ARG A 93 -17.11 2.72 -22.29
CA ARG A 93 -16.87 1.35 -21.83
C ARG A 93 -15.84 1.25 -20.71
N ARG A 94 -15.88 2.19 -19.77
CA ARG A 94 -14.82 2.29 -18.77
C ARG A 94 -15.33 2.51 -17.34
N VAL A 95 -14.55 2.04 -16.39
CA VAL A 95 -14.67 2.47 -15.01
C VAL A 95 -13.31 3.08 -14.72
N TRP A 96 -13.31 4.34 -14.34
CA TRP A 96 -12.09 5.00 -13.94
C TRP A 96 -12.10 4.99 -12.42
N LEU A 97 -11.00 4.61 -11.81
CA LEU A 97 -10.99 4.47 -10.36
C LEU A 97 -9.65 4.85 -9.76
N THR A 98 -9.66 5.17 -8.48
CA THR A 98 -8.45 5.63 -7.80
C THR A 98 -7.72 4.46 -7.16
N ASP A 99 -6.39 4.50 -7.23
CA ASP A 99 -5.58 3.53 -6.50
C ASP A 99 -5.18 4.12 -5.15
N ASN A 100 -5.99 3.85 -4.12
CA ASN A 100 -5.77 4.41 -2.78
C ASN A 100 -4.57 3.80 -2.09
N SER A 101 -4.13 4.38 -1.00
CA SER A 101 -3.12 3.68 -0.21
C SER A 101 -3.77 2.46 0.46
N THR A 102 -2.91 1.57 0.93
CA THR A 102 -3.34 0.28 1.47
C THR A 102 -4.36 0.47 2.58
N PHE A 103 -5.47 -0.25 2.52
CA PHE A 103 -6.51 -0.14 3.53
C PHE A 103 -6.07 -0.85 4.81
N THR A 104 -6.60 -0.41 5.94
CA THR A 104 -6.20 -0.90 7.25
C THR A 104 -7.35 -1.58 7.98
N SER A 105 -8.58 -1.24 7.59
CA SER A 105 -9.75 -1.95 8.08
C SER A 105 -10.97 -1.68 7.23
N ASN A 106 -11.95 -2.56 7.33
CA ASN A 106 -13.16 -2.43 6.53
CA ASN A 106 -13.20 -2.48 6.58
C ASN A 106 -14.02 -1.25 6.93
N ASP A 107 -13.84 -0.76 8.14
CA ASP A 107 -14.56 0.41 8.62
C ASP A 107 -14.25 1.63 7.78
N GLN A 108 -13.09 1.66 7.15
CA GLN A 108 -12.73 2.79 6.30
C GLN A 108 -13.75 2.99 5.18
N TRP A 109 -14.42 1.93 4.76
CA TRP A 109 -15.40 2.06 3.67
C TRP A 109 -16.54 3.00 4.05
N ASN A 110 -16.88 3.01 5.34
CA ASN A 110 -17.95 3.88 5.84
C ASN A 110 -17.47 5.31 6.09
N ARG A 111 -16.19 5.48 6.39
CA ARG A 111 -15.63 6.76 6.84
C ARG A 111 -14.99 7.63 5.76
N THR A 112 -14.75 7.08 4.58
CA THR A 112 -13.94 7.76 3.59
C THR A 112 -14.80 8.56 2.62
N HIS A 113 -14.54 9.85 2.54
CA HIS A 113 -15.29 10.72 1.65
C HIS A 113 -14.32 11.53 0.79
N LEU A 114 -14.84 12.16 -0.26
CA LEU A 114 -14.01 12.95 -1.16
C LEU A 114 -14.14 14.43 -0.81
N VAL A 115 -13.01 15.11 -0.70
CA VAL A 115 -12.99 16.55 -0.40
C VAL A 115 -12.40 17.34 -1.56
N LEU A 116 -13.13 18.36 -2.01
CA LEU A 116 -12.56 19.33 -2.94
C LEU A 116 -11.96 20.50 -2.14
N GLN A 117 -10.63 20.54 -2.05
CA GLN A 117 -9.94 21.52 -1.21
C GLN A 117 -9.84 22.88 -1.86
N ASP A 118 -9.59 23.91 -1.04
CA ASP A 118 -9.36 25.26 -1.56
C ASP A 118 -8.13 25.41 -2.46
N ASP A 119 -7.20 24.44 -2.44
CA ASP A 119 -6.05 24.48 -3.36
C ASP A 119 -6.31 23.73 -4.67
N GLY A 120 -7.53 23.28 -4.89
CA GLY A 120 -7.85 22.61 -6.14
C GLY A 120 -7.63 21.10 -6.14
N ASN A 121 -7.04 20.57 -5.08
CA ASN A 121 -6.80 19.13 -5.00
C ASN A 121 -8.10 18.45 -4.62
N ILE A 122 -8.33 17.26 -5.14
CA ILE A 122 -9.40 16.43 -4.61
C ILE A 122 -8.76 15.32 -3.82
N VAL A 123 -9.28 15.09 -2.62
CA VAL A 123 -8.59 14.24 -1.69
C VAL A 123 -9.59 13.27 -1.08
N LEU A 124 -9.25 11.99 -1.05
CA LEU A 124 -10.05 11.01 -0.33
C LEU A 124 -9.54 10.96 1.11
N VAL A 125 -10.43 11.18 2.06
CA VAL A 125 -10.04 11.33 3.47
C VAL A 125 -10.84 10.35 4.31
N ASP A 126 -10.15 9.49 5.03
CA ASP A 126 -10.73 8.61 6.03
C ASP A 126 -11.03 9.53 7.20
N SER A 127 -12.30 9.83 7.45
CA SER A 127 -12.65 10.89 8.41
C SER A 127 -13.61 10.43 9.52
N LEU A 128 -13.22 10.70 10.75
CA LEU A 128 -14.04 10.32 11.90
C LEU A 128 -14.23 11.54 12.78
N ALA A 129 -15.47 11.91 13.04
CA ALA A 129 -15.75 13.02 13.95
C ALA A 129 -15.89 12.42 15.32
N LEU A 130 -14.86 12.61 16.15
CA LEU A 130 -14.88 12.10 17.52
C LEU A 130 -15.88 12.87 18.37
N TRP A 131 -15.96 14.18 18.15
CA TRP A 131 -16.90 15.03 18.89
C TRP A 131 -17.33 16.14 17.98
N ASN A 132 -18.64 16.43 17.97
CA ASN A 132 -19.16 17.48 17.13
C ASN A 132 -20.01 18.35 18.04
N GLY A 133 -19.55 19.57 18.31
CA GLY A 133 -20.24 20.38 19.29
C GLY A 133 -21.49 20.99 18.69
N THR A 134 -21.57 20.98 17.37
CA THR A 134 -22.60 21.75 16.67
C THR A 134 -23.20 20.90 15.56
N PRO A 135 -23.95 19.84 15.93
CA PRO A 135 -24.37 18.84 14.94
C PRO A 135 -25.24 19.41 13.82
N ALA A 136 -25.91 20.53 14.09
CA ALA A 136 -26.78 21.19 13.13
C ALA A 136 -26.02 21.99 12.07
N ILE A 137 -24.74 22.23 12.30
CA ILE A 137 -23.95 23.01 11.36
C ILE A 137 -23.06 22.07 10.56
N PRO A 138 -23.12 22.15 9.22
CA PRO A 138 -22.39 21.20 8.39
C PRO A 138 -20.89 21.24 8.63
N LEU A 139 -20.24 20.08 8.59
CA LEU A 139 -18.78 20.01 8.59
C LEU A 139 -18.34 20.42 7.20
N VAL A 140 -17.32 21.27 7.12
CA VAL A 140 -16.83 21.77 5.84
C VAL A 140 -15.32 21.60 5.79
N PRO A 141 -14.86 20.45 5.28
CA PRO A 141 -13.42 20.24 5.21
C PRO A 141 -12.79 20.97 4.03
N GLY A 142 -11.48 21.20 4.08
CA GLY A 142 -10.75 21.75 2.94
C GLY A 142 -10.74 23.28 2.83
N ALA A 143 -11.13 23.99 3.88
CA ALA A 143 -11.24 25.46 3.81
C ALA A 143 -10.01 26.14 4.38
N ILE A 144 -9.40 27.06 3.63
CA ILE A 144 -8.23 27.75 4.17
C ILE A 144 -8.57 28.63 5.38
N ASP A 145 -9.82 29.03 5.54
CA ASP A 145 -10.17 29.95 6.64
C ASP A 145 -10.56 29.24 7.95
N SER A 146 -10.60 27.91 7.95
CA SER A 146 -10.82 27.20 9.19
C SER A 146 -9.63 27.38 10.12
N LEU A 147 -9.92 27.44 11.40
CA LEU A 147 -8.89 27.43 12.43
C LEU A 147 -8.71 25.99 12.89
N LEU A 148 -7.48 25.50 12.86
CA LEU A 148 -7.17 24.19 13.41
C LEU A 148 -6.28 24.33 14.64
N LEU A 149 -6.63 23.65 15.72
CA LEU A 149 -5.74 23.56 16.86
C LEU A 149 -5.17 22.14 16.95
N ALA A 150 -3.85 22.05 17.00
CA ALA A 150 -3.15 20.78 17.20
C ALA A 150 -3.20 20.39 18.67
N PRO A 151 -3.07 19.08 18.95
CA PRO A 151 -3.05 18.64 20.35
C PRO A 151 -1.91 19.28 21.13
N GLY A 152 -2.16 19.67 22.37
CA GLY A 152 -1.16 20.37 23.16
C GLY A 152 -1.28 21.88 23.07
N SER A 153 -2.45 22.36 22.66
CA SER A 153 -2.72 23.78 22.46
C SER A 153 -3.56 24.30 23.61
N GLU A 154 -3.00 25.25 24.36
CA GLU A 154 -3.73 25.89 25.43
C GLU A 154 -4.58 27.01 24.86
N LEU A 155 -5.83 27.11 25.30
CA LEU A 155 -6.67 28.25 24.93
C LEU A 155 -6.50 29.33 25.99
N VAL A 156 -5.62 30.28 25.72
CA VAL A 156 -5.32 31.35 26.66
C VAL A 156 -6.56 32.20 26.95
N GLN A 157 -6.87 32.35 28.23
CA GLN A 157 -8.09 33.07 28.61
C GLN A 157 -8.14 34.48 28.03
N GLY A 158 -9.24 34.81 27.37
CA GLY A 158 -9.40 36.14 26.81
C GLY A 158 -8.97 36.28 25.36
N VAL A 159 -8.11 35.39 24.89
CA VAL A 159 -7.70 35.44 23.49
C VAL A 159 -8.80 35.01 22.53
N VAL A 160 -9.03 35.81 21.50
CA VAL A 160 -10.07 35.50 20.54
C VAL A 160 -9.42 34.75 19.37
N TYR A 161 -9.75 33.48 19.23
CA TYR A 161 -9.24 32.67 18.12
C TYR A 161 -10.26 32.67 16.99
N GLY A 162 -9.89 33.24 15.86
CA GLY A 162 -10.84 33.48 14.78
C GLY A 162 -10.78 32.47 13.67
N ALA A 163 -11.92 32.26 13.02
CA ALA A 163 -11.96 31.55 11.74
C ALA A 163 -12.99 32.33 10.93
N GLY A 164 -12.51 33.17 10.03
CA GLY A 164 -13.39 34.12 9.37
C GLY A 164 -14.08 35.00 10.41
N ALA A 165 -15.41 35.04 10.36
CA ALA A 165 -16.17 35.87 11.28
C ALA A 165 -16.57 35.10 12.54
N SER A 166 -16.26 33.81 12.59
CA SER A 166 -16.55 33.01 13.78
C SER A 166 -15.39 33.05 14.74
N LYS A 167 -15.62 32.68 15.99
CA LYS A 167 -14.53 32.71 16.96
C LYS A 167 -14.73 31.73 18.08
N LEU A 168 -13.63 31.35 18.70
CA LEU A 168 -13.63 30.48 19.86
C LEU A 168 -12.87 31.24 20.95
N VAL A 169 -13.45 31.32 22.14
CA VAL A 169 -12.89 32.15 23.22
CA VAL A 169 -12.84 32.10 23.21
C VAL A 169 -13.07 31.47 24.58
N PHE A 170 -11.98 31.34 25.33
CA PHE A 170 -12.08 30.98 26.74
C PHE A 170 -12.26 32.32 27.46
N GLN A 171 -13.50 32.63 27.86
CA GLN A 171 -13.86 33.99 28.29
C GLN A 171 -13.42 34.35 29.70
N GLY A 172 -13.47 35.65 30.00
CA GLY A 172 -13.24 36.12 31.35
C GLY A 172 -14.17 35.46 32.37
N ASP A 173 -15.41 35.19 31.98
CA ASP A 173 -16.35 34.56 32.93
C ASP A 173 -16.10 33.05 33.11
N GLY A 174 -15.13 32.51 32.38
CA GLY A 174 -14.78 31.11 32.53
C GLY A 174 -15.50 30.19 31.56
N ASN A 175 -16.46 30.71 30.79
CA ASN A 175 -17.10 29.89 29.76
C ASN A 175 -16.19 29.71 28.56
N LEU A 176 -16.27 28.55 27.91
CA LEU A 176 -15.57 28.34 26.65
C LEU A 176 -16.65 28.37 25.58
N VAL A 177 -16.57 29.32 24.66
CA VAL A 177 -17.70 29.56 23.76
C VAL A 177 -17.22 29.66 22.31
N ALA A 178 -17.98 29.06 21.40
CA ALA A 178 -17.76 29.28 19.97
C ALA A 178 -18.88 30.21 19.50
N TYR A 179 -18.53 31.25 18.76
CA TYR A 179 -19.53 32.17 18.24
C TYR A 179 -19.58 32.01 16.74
N GLY A 180 -20.77 31.96 16.16
CA GLY A 180 -20.91 31.88 14.71
C GLY A 180 -20.81 33.23 14.01
N PRO A 181 -20.96 33.23 12.69
CA PRO A 181 -20.70 34.43 11.87
C PRO A 181 -21.65 35.60 12.14
N ASN A 182 -22.83 35.32 12.66
CA ASN A 182 -23.80 36.35 13.00
C ASN A 182 -23.63 36.86 14.44
N GLY A 183 -22.57 36.43 15.11
CA GLY A 183 -22.30 36.90 16.47
C GLY A 183 -22.94 36.10 17.59
N ALA A 184 -23.90 35.22 17.25
CA ALA A 184 -24.53 34.34 18.24
C ALA A 184 -23.67 33.12 18.58
N ALA A 185 -23.80 32.63 19.81
CA ALA A 185 -23.05 31.46 20.26
C ALA A 185 -23.58 30.23 19.56
N THR A 186 -22.70 29.40 18.98
CA THR A 186 -23.17 28.17 18.37
C THR A 186 -23.00 26.99 19.34
N TRP A 187 -22.09 27.14 20.29
CA TRP A 187 -21.79 26.09 21.27
C TRP A 187 -21.11 26.74 22.48
N ASN A 188 -21.35 26.20 23.67
CA ASN A 188 -20.55 26.58 24.82
C ASN A 188 -20.41 25.43 25.80
N ALA A 189 -19.29 25.41 26.53
CA ALA A 189 -19.10 24.37 27.53
C ALA A 189 -20.01 24.53 28.76
N GLY A 190 -20.56 25.73 28.96
CA GLY A 190 -21.37 26.00 30.14
C GLY A 190 -20.57 26.04 31.43
N THR A 191 -19.33 26.54 31.35
CA THR A 191 -18.46 26.54 32.52
C THR A 191 -18.34 27.92 33.17
N GLN A 192 -19.22 28.85 32.80
CA GLN A 192 -19.17 30.19 33.40
C GLN A 192 -19.51 30.14 34.87
N GLY A 193 -18.78 30.92 35.67
CA GLY A 193 -19.02 31.00 37.10
C GLY A 193 -18.80 29.71 37.88
N LYS A 194 -17.89 28.86 37.42
CA LYS A 194 -17.60 27.61 38.12
C LYS A 194 -16.16 27.58 38.61
N GLY A 195 -15.43 28.67 38.41
CA GLY A 195 -14.06 28.76 38.85
C GLY A 195 -13.05 28.26 37.82
N ALA A 196 -13.42 28.29 36.54
CA ALA A 196 -12.53 27.76 35.50
C ALA A 196 -11.23 28.55 35.42
N VAL A 197 -10.10 27.86 35.44
CA VAL A 197 -8.82 28.52 35.34
C VAL A 197 -8.08 28.24 34.03
N ARG A 198 -8.42 27.15 33.37
CA ARG A 198 -7.64 26.71 32.21
C ARG A 198 -8.51 25.95 31.23
N ALA A 199 -8.30 26.21 29.93
CA ALA A 199 -8.94 25.45 28.87
C ALA A 199 -7.84 24.97 27.93
N VAL A 200 -7.82 23.68 27.65
CA VAL A 200 -6.73 23.13 26.86
C VAL A 200 -7.20 21.98 25.97
N PHE A 201 -6.78 22.02 24.71
CA PHE A 201 -6.91 20.87 23.82
C PHE A 201 -5.64 20.06 24.07
N GLN A 202 -5.75 19.00 24.86
CA GLN A 202 -4.56 18.28 25.34
C GLN A 202 -3.86 17.42 24.27
N GLY A 203 -2.63 17.01 24.56
CA GLY A 203 -1.90 16.10 23.69
C GLY A 203 -2.56 14.76 23.43
N ASP A 204 -3.47 14.34 24.32
CA ASP A 204 -4.20 13.09 24.13
C ASP A 204 -5.48 13.28 23.31
N GLY A 205 -5.67 14.49 22.80
CA GLY A 205 -6.84 14.77 21.97
C GLY A 205 -8.11 15.10 22.74
N ASN A 206 -8.01 15.19 24.06
CA ASN A 206 -9.16 15.62 24.86
C ASN A 206 -9.20 17.14 25.04
N LEU A 207 -10.36 17.75 24.78
CA LEU A 207 -10.54 19.17 25.07
C LEU A 207 -11.10 19.27 26.49
N VAL A 208 -10.41 19.98 27.36
CA VAL A 208 -10.75 19.98 28.78
C VAL A 208 -10.74 21.40 29.34
N VAL A 209 -11.76 21.72 30.13
CA VAL A 209 -11.80 22.95 30.93
C VAL A 209 -11.59 22.57 32.38
N TYR A 210 -10.53 23.10 32.99
CA TYR A 210 -10.17 22.78 34.36
C TYR A 210 -10.54 23.93 35.30
N GLY A 211 -10.95 23.57 36.52
CA GLY A 211 -11.20 24.55 37.57
C GLY A 211 -10.05 24.51 38.56
N ALA A 212 -10.26 25.11 39.74
CA ALA A 212 -9.23 25.12 40.76
C ALA A 212 -8.89 23.70 41.22
N GLY A 213 -7.60 23.43 41.34
CA GLY A 213 -7.13 22.14 41.82
C GLY A 213 -7.20 21.04 40.79
N ASN A 214 -7.04 21.42 39.52
CA ASN A 214 -7.16 20.49 38.39
C ASN A 214 -8.48 19.72 38.36
N ALA A 215 -9.52 20.32 38.92
CA ALA A 215 -10.86 19.76 38.85
C ALA A 215 -11.39 19.87 37.44
N VAL A 216 -12.00 18.79 36.95
CA VAL A 216 -12.55 18.77 35.62
C VAL A 216 -13.96 19.34 35.62
N LEU A 217 -14.15 20.42 34.86
CA LEU A 217 -15.44 21.10 34.77
C LEU A 217 -16.22 20.65 33.53
N TRP A 218 -15.49 20.31 32.48
CA TRP A 218 -16.09 19.86 31.23
C TRP A 218 -14.98 19.26 30.39
N HIS A 219 -15.31 18.21 29.65
CA HIS A 219 -14.42 17.71 28.62
C HIS A 219 -15.18 17.07 27.47
N SER A 220 -14.50 16.94 26.33
CA SER A 220 -15.12 16.45 25.12
C SER A 220 -15.20 14.91 25.04
N HIS A 221 -14.59 14.23 26.00
CA HIS A 221 -14.53 12.77 26.05
C HIS A 221 -13.83 12.20 24.83
N THR A 222 -12.79 12.88 24.36
CA THR A 222 -12.08 12.41 23.18
C THR A 222 -10.63 12.04 23.49
N GLY A 223 -10.37 11.75 24.77
CA GLY A 223 -9.05 11.30 25.18
C GLY A 223 -8.61 10.03 24.47
N GLY A 224 -7.31 9.91 24.23
CA GLY A 224 -6.77 8.72 23.62
C GLY A 224 -6.69 8.81 22.10
N HIS A 225 -6.71 10.01 21.58
CA HIS A 225 -6.58 10.23 20.14
C HIS A 225 -5.56 11.33 19.89
N ALA A 226 -4.29 10.96 19.86
CA ALA A 226 -3.21 11.95 19.77
C ALA A 226 -3.06 12.55 18.36
N SER A 227 -3.76 11.99 17.39
CA SER A 227 -3.69 12.49 16.02
C SER A 227 -4.91 13.34 15.64
N ALA A 228 -5.81 13.54 16.60
CA ALA A 228 -7.00 14.36 16.38
C ALA A 228 -6.63 15.83 16.24
N VAL A 229 -7.48 16.60 15.57
CA VAL A 229 -7.38 18.07 15.60
C VAL A 229 -8.70 18.72 16.02
N LEU A 230 -8.60 19.91 16.55
CA LEU A 230 -9.77 20.70 16.90
CA LEU A 230 -9.74 20.75 16.87
C LEU A 230 -9.97 21.70 15.74
N ARG A 231 -11.16 21.73 15.20
CA ARG A 231 -11.43 22.63 14.11
C ARG A 231 -12.59 23.56 14.41
N LEU A 232 -12.36 24.85 14.25
CA LEU A 232 -13.43 25.84 14.24
C LEU A 232 -13.59 26.29 12.80
N GLN A 233 -14.79 26.15 12.24
CA GLN A 233 -15.02 26.61 10.88
C GLN A 233 -15.58 28.04 10.85
N ALA A 234 -15.48 28.67 9.68
CA ALA A 234 -15.99 30.01 9.48
C ALA A 234 -17.49 30.05 9.67
N ASN A 235 -18.17 28.93 9.45
CA ASN A 235 -19.64 28.88 9.64
C ASN A 235 -20.09 28.60 11.08
N GLY A 236 -19.15 28.55 12.03
CA GLY A 236 -19.50 28.42 13.44
C GLY A 236 -19.40 27.02 13.99
N SER A 237 -19.07 26.06 13.12
CA SER A 237 -18.95 24.66 13.54
C SER A 237 -17.73 24.45 14.40
N ILE A 238 -17.87 23.64 15.43
CA ILE A 238 -16.71 23.25 16.21
C ILE A 238 -16.72 21.75 16.43
N ALA A 239 -15.60 21.09 16.13
CA ALA A 239 -15.54 19.63 16.19
C ALA A 239 -14.12 19.15 16.39
N ILE A 240 -13.99 17.91 16.86
CA ILE A 240 -12.71 17.27 17.04
C ILE A 240 -12.70 16.05 16.11
N LEU A 241 -11.71 15.97 15.23
CA LEU A 241 -11.73 14.99 14.15
C LEU A 241 -10.44 14.21 14.03
N ASP A 242 -10.56 12.91 13.79
CA ASP A 242 -9.40 12.07 13.55
C ASP A 242 -9.42 11.76 12.05
N GLU A 243 -8.48 12.30 11.27
CA GLU A 243 -8.55 12.20 9.81
C GLU A 243 -7.23 11.87 9.16
N LYS A 244 -7.27 11.06 8.10
CA LYS A 244 -6.08 10.86 7.27
C LYS A 244 -6.48 10.65 5.80
N PRO A 245 -5.69 11.22 4.88
CA PRO A 245 -6.00 11.11 3.46
C PRO A 245 -5.50 9.78 2.93
N VAL A 246 -6.20 9.24 1.93
CA VAL A 246 -5.78 7.96 1.33
C VAL A 246 -5.58 8.04 -0.20
N TRP A 247 -5.78 9.22 -0.77
CA TRP A 247 -5.58 9.48 -2.20
C TRP A 247 -5.77 10.98 -2.47
N ALA A 248 -5.11 11.48 -3.52
CA ALA A 248 -5.29 12.84 -4.00
C ALA A 248 -4.84 12.91 -5.44
N ARG A 249 -5.32 13.90 -6.19
CA ARG A 249 -4.98 13.97 -7.60
C ARG A 249 -3.58 14.52 -7.84
N PHE A 250 -3.06 15.30 -6.88
CA PHE A 250 -1.64 15.67 -6.91
C PHE A 250 -1.05 15.66 -5.50
N GLY A 251 0.28 15.67 -5.43
CA GLY A 251 0.97 15.60 -4.15
C GLY A 251 1.08 14.20 -3.58
N PHE A 252 -0.03 13.46 -3.62
CA PHE A 252 -0.11 12.13 -3.03
C PHE A 252 0.83 11.14 -3.72
N GLN A 253 1.58 10.40 -2.90
CA GLN A 253 2.20 9.14 -3.32
C GLN A 253 1.97 8.15 -2.20
N PRO A 254 1.67 6.89 -2.55
CA PRO A 254 1.20 5.89 -1.58
C PRO A 254 2.21 5.66 -0.47
N THR A 255 3.48 5.86 -0.77
CA THR A 255 4.53 5.66 0.21
C THR A 255 4.94 6.94 0.96
N TYR A 256 4.38 8.09 0.58
CA TYR A 256 4.72 9.34 1.25
C TYR A 256 3.98 9.53 2.57
N ARG A 257 4.53 10.36 3.44
CA ARG A 257 3.87 10.74 4.66
C ARG A 257 2.88 11.87 4.40
N HIS A 258 1.69 11.78 4.97
CA HIS A 258 0.73 12.87 4.84
C HIS A 258 0.95 13.86 5.99
N ILE A 259 0.77 15.14 5.69
CA ILE A 259 0.84 16.17 6.71
C ILE A 259 0.00 17.36 6.25
N ARG A 260 -0.52 18.13 7.18
CA ARG A 260 -1.27 19.34 6.84
CA ARG A 260 -1.27 19.33 6.82
C ARG A 260 -0.32 20.47 6.49
N LYS A 261 -0.72 21.31 5.54
CA LYS A 261 0.09 22.47 5.20
C LYS A 261 0.10 23.38 6.43
N ILE A 262 1.12 24.23 6.53
CA ILE A 262 1.21 25.15 7.66
C ILE A 262 1.30 26.60 7.20
N ASN A 263 0.79 27.51 8.04
CA ASN A 263 0.90 28.95 7.85
C ASN A 263 2.34 29.37 8.11
N PRO A 264 2.72 30.62 7.73
CA PRO A 264 4.08 31.07 8.02
C PRO A 264 4.40 31.16 9.52
N ASP A 265 3.37 31.15 10.36
CA ASP A 265 3.54 31.13 11.81
C ASP A 265 3.41 29.72 12.41
N GLN A 266 3.63 28.69 11.59
CA GLN A 266 3.70 27.30 12.05
C GLN A 266 2.35 26.68 12.46
N LYS A 267 1.26 27.42 12.27
CA LYS A 267 -0.08 26.88 12.54
C LYS A 267 -0.58 26.05 11.36
N PRO A 268 -1.21 24.89 11.65
CA PRO A 268 -1.69 23.99 10.59
C PRO A 268 -2.96 24.51 9.95
N ILE A 269 -3.13 24.26 8.67
CA ILE A 269 -4.40 24.56 8.01
C ILE A 269 -5.01 23.27 7.45
N ASP A 270 -6.29 23.32 7.12
CA ASP A 270 -7.07 22.15 6.78
C ASP A 270 -6.89 21.73 5.33
N ILE A 271 -5.63 21.67 4.89
CA ILE A 271 -5.28 21.33 3.52
C ILE A 271 -4.20 20.27 3.62
N TRP A 272 -4.42 19.13 2.98
CA TRP A 272 -3.46 18.04 3.03
C TRP A 272 -2.34 18.24 2.03
N THR A 273 -1.14 17.84 2.43
CA THR A 273 -0.04 17.71 1.49
C THR A 273 0.80 16.48 1.86
N TRP A 274 1.80 16.17 1.04
CA TRP A 274 2.62 14.98 1.22
C TRP A 274 4.11 15.31 1.05
N HIS A 275 4.93 14.54 1.73
CA HIS A 275 6.32 14.43 1.44
C HIS A 275 6.87 13.12 1.93
N PHE A 276 8.10 12.83 1.49
CA PHE A 276 8.96 11.73 1.93
C PHE A 276 8.94 11.43 3.42
N ARG B 4 23.62 -18.14 14.77
CA ARG B 4 22.61 -19.09 14.33
C ARG B 4 23.31 -20.39 13.98
N THR B 5 22.65 -21.52 14.24
CA THR B 5 23.26 -22.82 14.08
C THR B 5 23.06 -23.31 12.66
N ARG B 6 24.09 -23.93 12.11
CA ARG B 6 24.10 -24.40 10.72
CA ARG B 6 24.09 -24.40 10.72
C ARG B 6 23.78 -25.89 10.62
N ILE B 7 22.88 -26.25 9.69
CA ILE B 7 22.40 -27.62 9.55
C ILE B 7 22.76 -28.25 8.19
N PRO B 8 22.68 -29.59 8.08
CA PRO B 8 22.94 -30.22 6.78
C PRO B 8 21.87 -29.89 5.76
N PHE B 9 22.29 -29.68 4.52
CA PHE B 9 21.39 -29.54 3.39
C PHE B 9 20.78 -30.91 3.08
N ASN B 10 19.55 -30.91 2.62
CA ASN B 10 18.90 -32.19 2.28
C ASN B 10 18.32 -32.25 0.87
N GLY B 11 17.79 -31.12 0.39
CA GLY B 11 17.15 -31.06 -0.92
C GLY B 11 18.08 -31.15 -2.12
N VAL B 12 18.74 -32.30 -2.25
CA VAL B 12 19.61 -32.56 -3.41
C VAL B 12 18.79 -32.56 -4.70
N GLY B 13 19.30 -31.91 -5.74
CA GLY B 13 18.63 -31.90 -7.02
C GLY B 13 17.59 -30.80 -7.17
N THR B 14 17.33 -30.06 -6.10
CA THR B 14 16.47 -28.89 -6.21
C THR B 14 17.28 -27.68 -6.69
N SER B 15 16.64 -26.54 -6.87
CA SER B 15 17.33 -25.42 -7.50
C SER B 15 17.80 -24.38 -6.49
N VAL B 16 17.61 -24.64 -5.20
CA VAL B 16 17.86 -23.62 -4.19
C VAL B 16 18.61 -24.16 -2.96
N LEU B 17 19.48 -23.35 -2.38
CA LEU B 17 20.17 -23.66 -1.16
C LEU B 17 19.81 -22.68 -0.11
N PRO B 18 19.05 -23.11 0.88
CA PRO B 18 18.56 -22.22 1.94
C PRO B 18 19.69 -21.72 2.86
N ALA B 19 19.48 -20.56 3.49
CA ALA B 19 20.45 -19.98 4.40
C ALA B 19 20.83 -20.91 5.55
N TYR B 20 22.04 -20.80 6.06
CA TYR B 20 22.57 -21.68 7.11
C TYR B 20 22.40 -23.17 6.89
N GLN B 21 22.54 -23.64 5.64
CA GLN B 21 22.49 -25.07 5.38
C GLN B 21 23.73 -25.51 4.63
N THR B 22 24.29 -26.63 5.09
CA THR B 22 25.60 -27.06 4.64
C THR B 22 25.53 -28.10 3.52
N LEU B 23 26.05 -27.72 2.36
CA LEU B 23 26.15 -28.61 1.23
C LEU B 23 27.49 -29.32 1.31
N SER B 24 27.45 -30.63 1.57
CA SER B 24 28.67 -31.41 1.68
C SER B 24 29.11 -31.89 0.29
N ALA B 25 30.27 -32.53 0.24
CA ALA B 25 30.79 -33.09 -1.01
C ALA B 25 29.82 -34.14 -1.55
N GLY B 26 29.63 -34.13 -2.87
CA GLY B 26 28.73 -35.09 -3.52
C GLY B 26 27.33 -34.54 -3.72
N GLN B 27 26.94 -33.59 -2.89
CA GLN B 27 25.62 -32.98 -3.02
C GLN B 27 25.65 -31.90 -4.10
N TYR B 28 24.48 -31.53 -4.60
CA TYR B 28 24.40 -30.61 -5.74
C TYR B 28 23.01 -30.00 -5.90
N LEU B 29 22.92 -28.95 -6.70
CA LEU B 29 21.65 -28.38 -7.12
C LEU B 29 21.47 -28.62 -8.60
N LEU B 30 20.23 -28.49 -9.08
CA LEU B 30 19.93 -28.55 -10.51
C LEU B 30 19.01 -27.39 -10.86
N SER B 31 19.21 -26.78 -12.03
CA SER B 31 18.28 -25.75 -12.46
C SER B 31 16.93 -26.42 -12.68
N PRO B 32 15.85 -25.63 -12.59
CA PRO B 32 14.51 -26.21 -12.78
C PRO B 32 14.33 -26.94 -14.12
N ASN B 33 14.97 -26.44 -15.18
CA ASN B 33 14.90 -27.12 -16.48
C ASN B 33 15.89 -28.27 -16.60
N GLN B 34 16.54 -28.61 -15.48
CA GLN B 34 17.44 -29.77 -15.40
C GLN B 34 18.75 -29.63 -16.20
N ARG B 35 18.86 -28.59 -17.02
CA ARG B 35 20.04 -28.44 -17.88
C ARG B 35 21.35 -28.17 -17.13
N PHE B 36 21.29 -27.37 -16.07
CA PHE B 36 22.51 -27.05 -15.31
C PHE B 36 22.58 -27.76 -13.96
N LYS B 37 23.81 -28.03 -13.51
CA LYS B 37 24.06 -28.64 -12.21
C LYS B 37 25.17 -27.90 -11.48
N LEU B 38 24.96 -27.58 -10.21
CA LEU B 38 26.02 -27.00 -9.39
C LEU B 38 26.52 -28.09 -8.43
N LEU B 39 27.75 -28.53 -8.63
CA LEU B 39 28.26 -29.71 -7.93
C LEU B 39 29.48 -29.44 -7.05
N LEU B 40 29.52 -30.04 -5.87
CA LEU B 40 30.69 -29.95 -5.00
C LEU B 40 31.44 -31.23 -4.98
N GLN B 41 32.41 -31.36 -5.87
CA GLN B 41 33.17 -32.60 -6.05
C GLN B 41 34.09 -32.89 -4.86
N GLY B 42 34.62 -34.11 -4.80
CA GLY B 42 35.53 -34.50 -3.74
C GLY B 42 36.86 -33.77 -3.84
N ASP B 43 37.16 -33.22 -5.00
CA ASP B 43 38.42 -32.55 -5.19
C ASP B 43 38.47 -31.25 -4.44
N GLY B 44 37.32 -30.75 -4.05
CA GLY B 44 37.27 -29.51 -3.29
C GLY B 44 36.86 -28.37 -4.21
N ASN B 45 36.60 -28.72 -5.47
CA ASN B 45 36.10 -27.75 -6.43
C ASN B 45 34.58 -27.64 -6.44
N LEU B 46 34.08 -26.41 -6.49
CA LEU B 46 32.66 -26.18 -6.72
C LEU B 46 32.49 -25.84 -8.19
N VAL B 47 31.87 -26.74 -8.95
CA VAL B 47 31.72 -26.56 -10.39
C VAL B 47 30.27 -26.48 -10.85
N ILE B 48 30.05 -25.87 -12.02
CA ILE B 48 28.75 -25.87 -12.66
C ILE B 48 28.85 -26.63 -13.97
N GLN B 49 27.88 -27.50 -14.23
CA GLN B 49 27.92 -28.34 -15.41
C GLN B 49 26.72 -28.16 -16.35
N ASP B 50 27.02 -27.72 -17.56
CA ASP B 50 26.01 -27.56 -18.62
C ASP B 50 25.91 -28.87 -19.36
N ASN B 51 24.91 -29.69 -19.02
CA ASN B 51 24.74 -31.01 -19.60
C ASN B 51 25.98 -31.87 -19.41
N GLY B 52 26.45 -31.96 -18.16
CA GLY B 52 27.61 -32.77 -17.84
C GLY B 52 28.94 -32.07 -18.06
N ALA B 53 28.94 -31.07 -18.94
CA ALA B 53 30.15 -30.34 -19.29
C ALA B 53 30.45 -29.19 -18.33
N THR B 54 31.58 -29.27 -17.63
CA THR B 54 31.97 -28.22 -16.69
C THR B 54 32.28 -26.91 -17.41
N VAL B 55 31.51 -25.87 -17.09
CA VAL B 55 31.65 -24.57 -17.76
C VAL B 55 32.08 -23.48 -16.79
N TRP B 56 32.17 -23.82 -15.51
CA TRP B 56 32.57 -22.87 -14.49
C TRP B 56 33.12 -23.59 -13.26
N VAL B 57 34.15 -23.01 -12.65
CA VAL B 57 34.78 -23.57 -11.46
C VAL B 57 35.02 -22.48 -10.43
N ALA B 58 34.63 -22.74 -9.19
CA ALA B 58 34.76 -21.77 -8.13
C ALA B 58 36.23 -21.57 -7.78
N ASN B 59 36.80 -20.48 -8.25
CA ASN B 59 38.22 -20.18 -8.02
C ASN B 59 38.52 -18.69 -7.95
N GLU B 60 39.81 -18.38 -7.90
CA GLU B 60 40.27 -17.02 -7.75
C GLU B 60 39.93 -16.14 -8.97
N GLN B 61 39.64 -16.79 -10.09
CA GLN B 61 39.39 -16.07 -11.35
C GLN B 61 37.94 -15.60 -11.49
N GLN B 62 37.06 -16.13 -10.65
CA GLN B 62 35.68 -15.64 -10.61
C GLN B 62 35.62 -14.22 -10.03
N PRO B 63 35.05 -13.27 -10.78
CA PRO B 63 34.91 -11.89 -10.31
C PRO B 63 34.07 -11.82 -9.04
N PHE B 64 34.39 -10.89 -8.16
CA PHE B 64 33.64 -10.67 -6.92
C PHE B 64 33.59 -11.93 -6.06
N SER B 65 34.73 -12.59 -5.95
CA SER B 65 34.90 -13.73 -5.07
C SER B 65 36.27 -13.66 -4.43
N SER B 66 36.29 -13.65 -3.10
CA SER B 66 37.56 -13.61 -2.38
C SER B 66 38.04 -15.01 -2.02
N THR B 67 39.35 -15.18 -1.95
CA THR B 67 39.95 -16.40 -1.44
C THR B 67 40.92 -16.07 -0.32
N ILE B 68 40.66 -16.66 0.85
CA ILE B 68 41.43 -16.41 2.07
C ILE B 68 41.94 -17.68 2.69
N PRO B 69 42.89 -17.54 3.66
CA PRO B 69 43.29 -18.74 4.41
C PRO B 69 42.17 -19.22 5.35
N LYS B 73 41.96 -25.39 9.83
CA LYS B 73 42.40 -26.53 10.63
C LYS B 73 41.67 -27.82 10.24
N LYS B 74 40.74 -28.24 11.07
CA LYS B 74 40.00 -29.48 10.82
C LYS B 74 38.62 -29.18 10.25
N ALA B 75 38.51 -28.04 9.57
CA ALA B 75 37.24 -27.64 8.95
C ALA B 75 36.87 -28.62 7.84
N PRO B 76 35.63 -29.13 7.88
CA PRO B 76 35.15 -30.09 6.87
C PRO B 76 34.89 -29.39 5.55
N LEU B 77 35.04 -30.11 4.44
CA LEU B 77 34.71 -29.57 3.14
C LEU B 77 33.23 -29.22 3.08
N ALA B 78 32.91 -27.93 3.02
CA ALA B 78 31.51 -27.50 3.08
C ALA B 78 31.21 -26.34 2.15
N PHE B 79 29.98 -26.32 1.64
CA PHE B 79 29.46 -25.15 0.92
C PHE B 79 28.17 -24.66 1.59
N TYR B 80 28.09 -23.36 1.88
CA TYR B 80 26.96 -22.83 2.61
C TYR B 80 26.83 -21.31 2.43
N VAL B 81 25.65 -20.78 2.76
CA VAL B 81 25.30 -19.39 2.50
C VAL B 81 24.97 -18.79 3.83
N GLN B 82 25.33 -17.53 4.02
CA GLN B 82 24.99 -16.70 5.15
C GLN B 82 25.05 -15.21 4.83
N TYR B 83 24.13 -14.71 4.05
CA TYR B 83 24.33 -13.52 3.24
C TYR B 83 25.36 -13.73 2.14
N GLY B 84 26.53 -14.23 2.51
CA GLY B 84 27.48 -14.67 1.51
C GLY B 84 27.57 -16.17 1.44
N ALA B 85 28.18 -16.69 0.37
CA ALA B 85 28.32 -18.14 0.17
C ALA B 85 29.75 -18.58 0.42
N PHE B 86 29.92 -19.81 0.89
CA PHE B 86 31.23 -20.25 1.39
C PHE B 86 31.68 -21.61 0.97
N LEU B 87 32.89 -21.67 0.44
CA LEU B 87 33.55 -22.94 0.22
C LEU B 87 34.68 -23.08 1.22
N ASP B 88 34.47 -23.94 2.22
CA ASP B 88 35.52 -24.29 3.15
C ASP B 88 36.33 -25.43 2.51
N ASP B 89 37.47 -25.06 1.97
CA ASP B 89 38.31 -25.98 1.24
C ASP B 89 39.63 -26.20 1.93
N TYR B 90 39.70 -27.26 2.72
CA TYR B 90 40.91 -27.56 3.48
C TYR B 90 42.06 -28.10 2.62
N SER B 91 41.73 -28.65 1.45
CA SER B 91 42.73 -29.20 0.55
C SER B 91 43.81 -28.18 0.21
N ARG B 92 43.38 -26.96 -0.02
CA ARG B 92 44.29 -25.89 -0.30
C ARG B 92 44.13 -24.69 0.60
N ARG B 93 43.95 -24.93 1.88
CA ARG B 93 43.89 -23.89 2.91
C ARG B 93 43.17 -22.62 2.48
N ARG B 94 42.02 -22.79 1.85
CA ARG B 94 41.29 -21.64 1.34
C ARG B 94 39.85 -21.61 1.78
N VAL B 95 39.37 -20.41 1.92
CA VAL B 95 37.94 -20.18 2.01
C VAL B 95 37.53 -19.37 0.79
N TRP B 96 36.94 -20.04 -0.19
CA TRP B 96 36.37 -19.34 -1.33
C TRP B 96 35.02 -18.79 -0.93
N LEU B 97 34.87 -17.47 -1.01
CA LEU B 97 33.61 -16.85 -0.63
C LEU B 97 33.19 -15.81 -1.65
N THR B 98 31.88 -15.59 -1.75
CA THR B 98 31.32 -14.57 -2.64
C THR B 98 31.42 -13.23 -1.96
N ASP B 99 31.67 -12.18 -2.71
CA ASP B 99 31.69 -10.82 -2.15
C ASP B 99 30.37 -10.08 -2.43
N ASN B 100 29.39 -10.25 -1.54
CA ASN B 100 28.03 -9.77 -1.82
C ASN B 100 27.92 -8.25 -1.81
N SER B 101 26.76 -7.75 -2.28
CA SER B 101 26.42 -6.33 -2.25
C SER B 101 26.39 -5.86 -0.79
N THR B 102 26.47 -4.55 -0.52
CA THR B 102 26.50 -4.07 0.88
C THR B 102 25.13 -4.26 1.52
N PHE B 103 25.08 -5.11 2.54
CA PHE B 103 23.86 -5.35 3.29
C PHE B 103 23.14 -4.10 3.74
N THR B 104 21.87 -4.25 4.07
CA THR B 104 21.08 -3.11 4.48
C THR B 104 20.41 -3.36 5.83
N SER B 105 20.37 -4.62 6.19
CA SER B 105 19.82 -5.02 7.49
C SER B 105 20.16 -6.45 7.88
N ASN B 106 19.88 -6.77 9.12
CA ASN B 106 20.34 -7.98 9.70
C ASN B 106 19.44 -9.16 9.51
N ASP B 107 18.29 -8.97 8.90
CA ASP B 107 17.45 -10.10 8.66
C ASP B 107 17.93 -10.75 7.38
N GLN B 108 18.59 -9.94 6.55
CA GLN B 108 19.19 -10.35 5.26
C GLN B 108 19.87 -11.65 5.46
N TRP B 109 20.39 -11.86 6.65
CA TRP B 109 21.15 -13.06 6.95
C TRP B 109 20.24 -14.25 7.11
N ASN B 110 18.98 -13.98 7.39
CA ASN B 110 18.00 -15.06 7.51
C ASN B 110 17.38 -15.49 6.17
N ARG B 111 17.08 -14.53 5.30
CA ARG B 111 16.31 -14.82 4.08
C ARG B 111 17.15 -15.13 2.83
N THR B 112 18.46 -14.90 2.89
CA THR B 112 19.30 -15.03 1.70
C THR B 112 19.64 -16.47 1.34
N HIS B 113 19.23 -16.90 0.14
CA HIS B 113 19.53 -18.25 -0.32
C HIS B 113 20.15 -18.26 -1.73
N LEU B 114 20.68 -19.40 -2.15
CA LEU B 114 21.34 -19.53 -3.46
C LEU B 114 20.44 -20.25 -4.46
N VAL B 115 20.30 -19.66 -5.64
CA VAL B 115 19.45 -20.22 -6.67
C VAL B 115 20.25 -20.57 -7.91
N LEU B 116 20.05 -21.77 -8.44
CA LEU B 116 20.59 -22.12 -9.74
C LEU B 116 19.50 -21.87 -10.79
N GLN B 117 19.67 -20.82 -11.58
CA GLN B 117 18.63 -20.41 -12.53
C GLN B 117 18.69 -21.17 -13.84
N ASP B 118 17.59 -21.13 -14.58
CA ASP B 118 17.51 -21.81 -15.87
C ASP B 118 18.44 -21.24 -16.93
N ASP B 119 19.13 -20.15 -16.62
CA ASP B 119 20.09 -19.61 -17.56
C ASP B 119 21.50 -19.94 -17.13
N GLY B 120 21.62 -20.78 -16.10
CA GLY B 120 22.92 -21.27 -15.66
C GLY B 120 23.62 -20.35 -14.68
N ASN B 121 23.01 -19.22 -14.36
CA ASN B 121 23.58 -18.35 -13.36
C ASN B 121 23.34 -18.95 -11.97
N ILE B 122 24.24 -18.66 -11.04
CA ILE B 122 23.94 -18.91 -9.63
C ILE B 122 23.83 -17.55 -8.96
N VAL B 123 22.71 -17.34 -8.26
CA VAL B 123 22.37 -16.05 -7.72
C VAL B 123 22.08 -16.19 -6.24
N LEU B 124 22.64 -15.30 -5.42
CA LEU B 124 22.29 -15.24 -4.02
C LEU B 124 21.11 -14.30 -3.89
N VAL B 125 20.01 -14.81 -3.38
CA VAL B 125 18.77 -14.03 -3.36
C VAL B 125 18.22 -13.87 -1.94
N ASP B 126 18.00 -12.62 -1.58
CA ASP B 126 17.32 -12.24 -0.34
C ASP B 126 15.83 -12.39 -0.60
N SER B 127 15.27 -13.51 -0.16
CA SER B 127 13.92 -13.92 -0.56
C SER B 127 12.99 -13.97 0.63
N LEU B 128 11.90 -13.22 0.56
CA LEU B 128 10.82 -13.31 1.56
C LEU B 128 9.50 -13.71 0.92
N ALA B 129 8.97 -14.87 1.29
CA ALA B 129 7.62 -15.23 0.83
C ALA B 129 6.62 -14.51 1.71
N LEU B 130 6.03 -13.43 1.21
CA LEU B 130 5.05 -12.67 1.97
C LEU B 130 3.77 -13.46 2.19
N TRP B 131 3.36 -14.24 1.19
CA TRP B 131 2.18 -15.08 1.31
C TRP B 131 2.43 -16.32 0.47
N ASN B 132 2.18 -17.49 1.03
CA ASN B 132 2.35 -18.74 0.31
C ASN B 132 1.03 -19.47 0.32
N GLY B 133 0.29 -19.41 -0.78
CA GLY B 133 -1.04 -19.99 -0.80
C GLY B 133 -1.05 -21.51 -0.73
N THR B 134 0.07 -22.13 -1.08
CA THR B 134 0.15 -23.57 -1.20
C THR B 134 1.38 -24.11 -0.45
N PRO B 135 1.36 -24.07 0.89
CA PRO B 135 2.52 -24.46 1.69
C PRO B 135 2.98 -25.92 1.46
N ALA B 136 2.11 -26.79 0.99
CA ALA B 136 2.49 -28.18 0.75
C ALA B 136 3.31 -28.33 -0.54
N ILE B 137 3.37 -27.28 -1.34
CA ILE B 137 4.07 -27.34 -2.62
C ILE B 137 5.35 -26.51 -2.55
N PRO B 138 6.48 -27.11 -2.90
CA PRO B 138 7.76 -26.42 -2.75
C PRO B 138 7.88 -25.20 -3.65
N LEU B 139 8.47 -24.16 -3.11
CA LEU B 139 8.84 -23.00 -3.89
C LEU B 139 9.99 -23.39 -4.81
N VAL B 140 9.88 -23.02 -6.09
CA VAL B 140 10.89 -23.35 -7.09
C VAL B 140 11.34 -22.08 -7.80
N PRO B 141 12.34 -21.40 -7.26
CA PRO B 141 12.78 -20.17 -7.95
C PRO B 141 13.67 -20.47 -9.16
N GLY B 142 13.68 -19.55 -10.13
CA GLY B 142 14.61 -19.64 -11.24
C GLY B 142 14.12 -20.40 -12.45
N ALA B 143 12.83 -20.75 -12.47
CA ALA B 143 12.24 -21.46 -13.61
C ALA B 143 11.72 -20.53 -14.68
N ILE B 144 12.10 -20.82 -15.92
CA ILE B 144 11.65 -20.07 -17.09
C ILE B 144 10.15 -20.19 -17.26
N ASP B 145 9.58 -21.32 -16.83
CA ASP B 145 8.15 -21.54 -17.09
C ASP B 145 7.22 -21.04 -15.99
N SER B 146 7.78 -20.46 -14.93
CA SER B 146 6.92 -19.85 -13.91
C SER B 146 6.22 -18.64 -14.53
N LEU B 147 4.98 -18.39 -14.14
CA LEU B 147 4.28 -17.17 -14.54
C LEU B 147 4.45 -16.13 -13.43
N LEU B 148 4.89 -14.92 -13.80
CA LEU B 148 4.97 -13.82 -12.83
C LEU B 148 3.98 -12.75 -13.21
N LEU B 149 3.23 -12.25 -12.23
CA LEU B 149 2.37 -11.09 -12.46
C LEU B 149 2.94 -9.93 -11.67
N ALA B 150 3.13 -8.79 -12.34
CA ALA B 150 3.66 -7.60 -11.69
C ALA B 150 2.55 -6.88 -10.92
N PRO B 151 2.92 -6.10 -9.89
CA PRO B 151 1.91 -5.32 -9.17
C PRO B 151 1.14 -4.44 -10.15
N GLY B 152 -0.17 -4.34 -9.99
CA GLY B 152 -0.98 -3.59 -10.93
C GLY B 152 -1.57 -4.44 -12.05
N SER B 153 -1.67 -5.76 -11.85
CA SER B 153 -2.26 -6.65 -12.83
C SER B 153 -3.69 -7.05 -12.49
N GLU B 154 -4.63 -6.70 -13.35
CA GLU B 154 -6.01 -7.12 -13.17
C GLU B 154 -6.09 -8.58 -13.60
N LEU B 155 -6.77 -9.40 -12.82
CA LEU B 155 -7.01 -10.80 -13.24
C LEU B 155 -8.35 -10.85 -13.96
N VAL B 156 -8.30 -10.84 -15.28
CA VAL B 156 -9.53 -10.83 -16.08
C VAL B 156 -10.32 -12.12 -15.92
N GLN B 157 -11.62 -11.99 -15.66
CA GLN B 157 -12.47 -13.13 -15.36
C GLN B 157 -12.55 -14.10 -16.53
N GLY B 158 -12.29 -15.37 -16.27
CA GLY B 158 -12.40 -16.39 -17.29
C GLY B 158 -11.11 -16.65 -18.03
N VAL B 159 -10.14 -15.76 -17.90
CA VAL B 159 -8.85 -15.90 -18.58
C VAL B 159 -7.97 -16.95 -17.90
N VAL B 160 -7.35 -17.81 -18.70
CA VAL B 160 -6.49 -18.84 -18.14
C VAL B 160 -5.07 -18.31 -18.05
N TYR B 161 -4.63 -18.00 -16.83
CA TYR B 161 -3.25 -17.58 -16.61
C TYR B 161 -2.44 -18.84 -16.35
N GLY B 162 -1.58 -19.21 -17.29
CA GLY B 162 -1.01 -20.55 -17.24
C GLY B 162 0.46 -20.58 -16.94
N ALA B 163 0.90 -21.64 -16.27
CA ALA B 163 2.32 -21.89 -16.13
C ALA B 163 2.41 -23.37 -16.39
N GLY B 164 2.90 -23.74 -17.57
CA GLY B 164 2.82 -25.14 -18.01
C GLY B 164 1.36 -25.59 -18.00
N ALA B 165 1.10 -26.75 -17.39
CA ALA B 165 -0.24 -27.29 -17.25
C ALA B 165 -1.00 -26.68 -16.07
N SER B 166 -0.31 -25.99 -15.18
CA SER B 166 -1.00 -25.34 -14.05
C SER B 166 -1.61 -24.04 -14.51
N LYS B 167 -2.54 -23.50 -13.73
CA LYS B 167 -3.24 -22.28 -14.10
C LYS B 167 -3.83 -21.54 -12.91
N LEU B 168 -3.98 -20.24 -13.09
CA LEU B 168 -4.64 -19.39 -12.08
C LEU B 168 -5.83 -18.79 -12.81
N VAL B 169 -7.01 -18.91 -12.21
CA VAL B 169 -8.21 -18.42 -12.87
C VAL B 169 -9.13 -17.70 -11.89
N PHE B 170 -9.56 -16.50 -12.27
CA PHE B 170 -10.68 -15.84 -11.63
C PHE B 170 -11.92 -16.33 -12.38
N GLN B 171 -12.66 -17.24 -11.77
CA GLN B 171 -13.70 -17.99 -12.45
C GLN B 171 -15.02 -17.26 -12.58
N GLY B 172 -15.88 -17.81 -13.43
CA GLY B 172 -17.25 -17.34 -13.58
C GLY B 172 -18.07 -17.37 -12.30
N ASP B 173 -17.80 -18.34 -11.41
CA ASP B 173 -18.48 -18.39 -10.12
C ASP B 173 -17.96 -17.35 -9.12
N GLY B 174 -16.93 -16.62 -9.51
CA GLY B 174 -16.37 -15.59 -8.64
C GLY B 174 -15.27 -16.10 -7.72
N ASN B 175 -14.99 -17.40 -7.75
CA ASN B 175 -13.87 -17.93 -6.97
C ASN B 175 -12.56 -17.62 -7.67
N LEU B 176 -11.49 -17.41 -6.90
CA LEU B 176 -10.16 -17.27 -7.47
C LEU B 176 -9.39 -18.52 -7.10
N VAL B 177 -8.92 -19.27 -8.09
CA VAL B 177 -8.42 -20.63 -7.86
C VAL B 177 -7.12 -20.88 -8.61
N ALA B 178 -6.17 -21.53 -7.95
CA ALA B 178 -4.99 -22.02 -8.65
C ALA B 178 -5.17 -23.52 -8.80
N TYR B 179 -4.84 -24.03 -9.97
CA TYR B 179 -4.96 -25.46 -10.24
C TYR B 179 -3.58 -26.00 -10.55
N GLY B 180 -3.28 -27.20 -10.07
CA GLY B 180 -2.00 -27.83 -10.32
C GLY B 180 -1.96 -28.56 -11.66
N PRO B 181 -0.85 -29.24 -11.94
CA PRO B 181 -0.61 -29.82 -13.27
C PRO B 181 -1.48 -31.06 -13.57
N ASN B 182 -2.06 -31.68 -12.56
CA ASN B 182 -3.00 -32.78 -12.77
C ASN B 182 -4.43 -32.27 -12.86
N GLY B 183 -4.62 -30.96 -12.83
CA GLY B 183 -5.96 -30.40 -12.96
C GLY B 183 -6.68 -30.13 -11.65
N ALA B 184 -6.13 -30.61 -10.54
CA ALA B 184 -6.79 -30.44 -9.25
C ALA B 184 -6.41 -29.10 -8.65
N ALA B 185 -7.36 -28.49 -7.94
CA ALA B 185 -7.13 -27.22 -7.25
C ALA B 185 -6.02 -27.34 -6.21
N THR B 186 -5.13 -26.37 -6.14
CA THR B 186 -4.10 -26.37 -5.11
C THR B 186 -4.42 -25.33 -4.03
N TRP B 187 -5.16 -24.30 -4.41
CA TRP B 187 -5.54 -23.22 -3.51
C TRP B 187 -6.75 -22.49 -4.10
N ASN B 188 -7.63 -21.98 -3.25
CA ASN B 188 -8.67 -21.09 -3.73
C ASN B 188 -9.01 -20.06 -2.67
N ALA B 189 -9.54 -18.91 -3.11
CA ALA B 189 -9.82 -17.82 -2.19
C ALA B 189 -11.13 -18.08 -1.47
N GLY B 190 -11.98 -18.91 -2.05
CA GLY B 190 -13.22 -19.28 -1.38
C GLY B 190 -14.26 -18.19 -1.53
N THR B 191 -14.20 -17.49 -2.65
CA THR B 191 -15.12 -16.39 -2.90
C THR B 191 -16.28 -16.76 -3.82
N GLN B 192 -16.45 -18.04 -4.11
CA GLN B 192 -17.53 -18.45 -4.99
C GLN B 192 -18.87 -18.08 -4.38
N GLY B 193 -19.81 -17.67 -5.23
CA GLY B 193 -21.17 -17.39 -4.79
C GLY B 193 -21.32 -16.20 -3.85
N LYS B 194 -20.28 -15.37 -3.75
CA LYS B 194 -20.32 -14.20 -2.88
C LYS B 194 -20.42 -12.89 -3.66
N GLY B 195 -20.66 -12.98 -4.96
CA GLY B 195 -20.78 -11.79 -5.78
C GLY B 195 -19.47 -11.07 -6.10
N ALA B 196 -18.39 -11.82 -6.28
CA ALA B 196 -17.11 -11.20 -6.64
C ALA B 196 -17.21 -10.56 -8.00
N VAL B 197 -16.66 -9.36 -8.16
CA VAL B 197 -16.70 -8.70 -9.48
C VAL B 197 -15.32 -8.34 -10.03
N ARG B 198 -14.29 -8.40 -9.17
CA ARG B 198 -12.98 -7.95 -9.59
C ARG B 198 -11.92 -8.66 -8.76
N ALA B 199 -10.85 -9.08 -9.43
CA ALA B 199 -9.71 -9.70 -8.77
C ALA B 199 -8.45 -9.05 -9.33
N VAL B 200 -7.56 -8.63 -8.45
CA VAL B 200 -6.45 -7.78 -8.88
C VAL B 200 -5.25 -7.96 -7.96
N PHE B 201 -4.07 -8.04 -8.56
CA PHE B 201 -2.82 -7.97 -7.84
C PHE B 201 -2.39 -6.52 -7.91
N GLN B 202 -2.70 -5.76 -6.86
CA GLN B 202 -2.61 -4.31 -6.89
C GLN B 202 -1.20 -3.75 -6.91
N GLY B 203 -1.11 -2.45 -7.17
CA GLY B 203 0.16 -1.75 -7.17
C GLY B 203 0.86 -1.75 -5.82
N ASP B 204 0.11 -1.96 -4.75
CA ASP B 204 0.71 -1.95 -3.42
C ASP B 204 1.13 -3.36 -3.02
N GLY B 205 0.95 -4.33 -3.92
CA GLY B 205 1.39 -5.70 -3.68
C GLY B 205 0.38 -6.59 -2.99
N ASN B 206 -0.84 -6.10 -2.81
CA ASN B 206 -1.90 -6.90 -2.19
C ASN B 206 -2.74 -7.57 -3.29
N LEU B 207 -3.00 -8.87 -3.13
CA LEU B 207 -3.90 -9.59 -4.03
C LEU B 207 -5.28 -9.53 -3.41
N VAL B 208 -6.25 -8.98 -4.14
CA VAL B 208 -7.56 -8.70 -3.54
C VAL B 208 -8.69 -9.18 -4.44
N VAL B 209 -9.74 -9.71 -3.84
CA VAL B 209 -10.96 -10.02 -4.58
C VAL B 209 -12.04 -9.10 -4.05
N TYR B 210 -12.64 -8.31 -4.94
CA TYR B 210 -13.65 -7.32 -4.53
C TYR B 210 -15.03 -7.81 -4.90
N GLY B 211 -16.01 -7.49 -4.07
CA GLY B 211 -17.40 -7.80 -4.36
C GLY B 211 -18.23 -6.55 -4.58
N ALA B 212 -19.55 -6.69 -4.41
CA ALA B 212 -20.45 -5.55 -4.52
C ALA B 212 -20.08 -4.46 -3.54
N GLY B 213 -20.31 -3.21 -3.92
CA GLY B 213 -20.01 -2.08 -3.06
C GLY B 213 -18.52 -1.94 -2.81
N ASN B 214 -17.71 -2.55 -3.69
CA ASN B 214 -16.26 -2.58 -3.53
C ASN B 214 -15.80 -3.21 -2.22
N ALA B 215 -16.59 -4.11 -1.67
CA ALA B 215 -16.23 -4.76 -0.41
C ALA B 215 -15.11 -5.74 -0.68
N VAL B 216 -14.14 -5.79 0.23
CA VAL B 216 -13.09 -6.79 0.12
C VAL B 216 -13.65 -8.13 0.54
N LEU B 217 -13.65 -9.12 -0.36
CA LEU B 217 -14.14 -10.45 -0.02
C LEU B 217 -13.02 -11.35 0.46
N TRP B 218 -11.82 -11.11 -0.05
CA TRP B 218 -10.63 -11.84 0.35
C TRP B 218 -9.41 -11.01 -0.03
N HIS B 219 -8.35 -11.07 0.76
CA HIS B 219 -7.08 -10.49 0.37
C HIS B 219 -5.91 -11.23 1.01
N SER B 220 -4.74 -11.09 0.39
CA SER B 220 -3.55 -11.83 0.83
C SER B 220 -2.86 -11.17 2.01
N HIS B 221 -3.33 -9.97 2.38
CA HIS B 221 -2.74 -9.18 3.48
C HIS B 221 -1.28 -8.86 3.23
N THR B 222 -0.93 -8.58 1.97
CA THR B 222 0.46 -8.26 1.65
C THR B 222 0.60 -6.85 1.11
N GLY B 223 -0.39 -5.99 1.36
CA GLY B 223 -0.29 -4.61 0.91
C GLY B 223 0.89 -3.89 1.53
N GLY B 224 1.46 -2.93 0.79
CA GLY B 224 2.62 -2.20 1.26
C GLY B 224 3.94 -2.73 0.73
N HIS B 225 3.88 -3.64 -0.24
CA HIS B 225 5.10 -4.17 -0.84
C HIS B 225 5.06 -4.00 -2.33
N ALA B 226 5.39 -2.80 -2.78
CA ALA B 226 5.27 -2.40 -4.17
C ALA B 226 6.26 -3.12 -5.09
N SER B 227 7.25 -3.79 -4.50
CA SER B 227 8.22 -4.53 -5.31
C SER B 227 7.96 -6.04 -5.28
N ALA B 228 6.85 -6.47 -4.67
CA ALA B 228 6.50 -7.89 -4.66
C ALA B 228 6.11 -8.38 -6.06
N VAL B 229 6.17 -9.69 -6.31
CA VAL B 229 5.55 -10.27 -7.51
C VAL B 229 4.67 -11.43 -7.09
N LEU B 230 3.68 -11.73 -7.92
CA LEU B 230 2.84 -12.90 -7.72
C LEU B 230 3.37 -14.00 -8.66
N ARG B 231 3.71 -15.16 -8.11
CA ARG B 231 4.25 -16.23 -8.94
C ARG B 231 3.38 -17.47 -8.90
N LEU B 232 2.98 -17.93 -10.08
CA LEU B 232 2.35 -19.24 -10.25
C LEU B 232 3.41 -20.14 -10.90
N GLN B 233 3.78 -21.24 -10.24
CA GLN B 233 4.76 -22.18 -10.78
C GLN B 233 4.07 -23.30 -11.58
N ALA B 234 4.85 -23.98 -12.43
CA ALA B 234 4.30 -25.05 -13.25
C ALA B 234 3.85 -26.22 -12.37
N ASN B 235 4.37 -26.28 -11.14
CA ASN B 235 3.98 -27.35 -10.23
C ASN B 235 2.74 -27.01 -9.38
N GLY B 236 2.15 -25.83 -9.60
CA GLY B 236 0.90 -25.49 -8.94
C GLY B 236 1.03 -24.55 -7.75
N SER B 237 2.26 -24.23 -7.39
CA SER B 237 2.52 -23.31 -6.27
C SER B 237 2.04 -21.91 -6.61
N ILE B 238 1.36 -21.26 -5.67
CA ILE B 238 1.07 -19.84 -5.86
C ILE B 238 1.55 -19.05 -4.63
N ALA B 239 2.30 -17.99 -4.88
CA ALA B 239 2.93 -17.23 -3.80
C ALA B 239 3.18 -15.80 -4.20
N ILE B 240 3.30 -14.95 -3.20
CA ILE B 240 3.68 -13.57 -3.40
C ILE B 240 5.02 -13.36 -2.71
N LEU B 241 6.03 -12.93 -3.47
CA LEU B 241 7.39 -12.92 -2.97
C LEU B 241 8.01 -11.54 -3.08
N ASP B 242 8.82 -11.19 -2.09
CA ASP B 242 9.57 -9.95 -2.13
C ASP B 242 11.01 -10.39 -2.13
N GLU B 243 11.71 -10.14 -3.23
CA GLU B 243 13.03 -10.72 -3.44
C GLU B 243 14.01 -9.74 -4.05
N LYS B 244 15.27 -9.90 -3.69
CA LYS B 244 16.37 -9.08 -4.19
C LYS B 244 17.61 -9.95 -4.27
N PRO B 245 18.29 -9.92 -5.43
CA PRO B 245 19.55 -10.66 -5.52
C PRO B 245 20.69 -9.84 -4.92
N VAL B 246 21.66 -10.49 -4.29
CA VAL B 246 22.78 -9.78 -3.68
C VAL B 246 24.13 -10.26 -4.21
N TRP B 247 24.13 -11.24 -5.11
CA TRP B 247 25.33 -11.72 -5.80
C TRP B 247 24.94 -12.68 -6.92
N ALA B 248 25.79 -12.78 -7.95
CA ALA B 248 25.66 -13.80 -9.00
C ALA B 248 27.00 -14.00 -9.69
N ARG B 249 27.19 -15.14 -10.35
CA ARG B 249 28.47 -15.46 -10.97
C ARG B 249 28.70 -14.73 -12.29
N PHE B 250 27.63 -14.38 -12.99
CA PHE B 250 27.74 -13.43 -14.11
C PHE B 250 26.61 -12.41 -14.09
N GLY B 251 26.80 -11.30 -14.80
CA GLY B 251 25.83 -10.23 -14.86
C GLY B 251 25.94 -9.27 -13.69
N PHE B 252 25.89 -9.84 -12.49
CA PHE B 252 26.00 -9.07 -11.26
C PHE B 252 27.26 -8.20 -11.20
N GLN B 253 27.04 -6.91 -10.95
CA GLN B 253 28.10 -6.04 -10.42
C GLN B 253 27.52 -5.25 -9.24
N PRO B 254 28.33 -5.00 -8.20
CA PRO B 254 27.84 -4.41 -6.94
C PRO B 254 27.12 -3.08 -7.13
N THR B 255 27.46 -2.35 -8.18
CA THR B 255 26.86 -1.04 -8.41
C THR B 255 25.65 -1.09 -9.33
N TYR B 256 25.40 -2.26 -9.92
CA TYR B 256 24.36 -2.38 -10.93
C TYR B 256 22.98 -2.56 -10.33
N ARG B 257 21.97 -1.99 -10.99
CA ARG B 257 20.59 -2.21 -10.60
C ARG B 257 20.14 -3.58 -11.09
N HIS B 258 19.47 -4.32 -10.23
CA HIS B 258 18.94 -5.62 -10.58
C HIS B 258 17.55 -5.47 -11.18
N ILE B 259 17.19 -6.39 -12.06
CA ILE B 259 15.88 -6.36 -12.69
C ILE B 259 15.60 -7.74 -13.24
N ARG B 260 14.33 -8.13 -13.26
CA ARG B 260 13.94 -9.41 -13.85
CA ARG B 260 13.97 -9.42 -13.86
C ARG B 260 13.93 -9.33 -15.37
N LYS B 261 14.35 -10.42 -16.02
CA LYS B 261 14.30 -10.47 -17.46
C LYS B 261 12.86 -10.35 -17.92
N ILE B 262 12.70 -9.71 -19.06
CA ILE B 262 11.45 -9.67 -19.80
C ILE B 262 11.67 -10.61 -20.98
N ASN B 263 10.67 -11.46 -21.20
CA ASN B 263 10.64 -12.45 -22.29
C ASN B 263 10.36 -11.87 -23.68
N PRO B 264 10.75 -12.55 -24.71
CA PRO B 264 10.70 -12.31 -26.14
C PRO B 264 9.65 -11.32 -26.66
N ASP B 265 8.38 -11.51 -26.45
CA ASP B 265 7.49 -10.37 -26.70
C ASP B 265 7.00 -9.55 -25.49
N GLN B 266 6.67 -10.14 -24.35
CA GLN B 266 5.98 -9.26 -23.42
C GLN B 266 6.43 -8.98 -21.97
N LYS B 267 6.66 -9.97 -21.09
CA LYS B 267 6.84 -9.63 -19.65
C LYS B 267 7.70 -10.52 -18.75
N PRO B 268 7.66 -10.27 -17.37
CA PRO B 268 8.87 -10.74 -16.71
C PRO B 268 8.85 -12.20 -16.37
N ILE B 269 10.05 -12.77 -16.29
CA ILE B 269 10.23 -14.17 -15.93
C ILE B 269 11.17 -14.19 -14.74
N ASP B 270 11.22 -15.34 -14.09
CA ASP B 270 11.84 -15.49 -12.79
C ASP B 270 13.35 -15.67 -12.91
N ILE B 271 13.97 -14.80 -13.69
CA ILE B 271 15.39 -14.86 -13.97
C ILE B 271 15.94 -13.48 -13.73
N TRP B 272 16.93 -13.38 -12.84
CA TRP B 272 17.55 -12.09 -12.53
C TRP B 272 18.57 -11.66 -13.57
N THR B 273 18.57 -10.36 -13.86
CA THR B 273 19.66 -9.77 -14.63
C THR B 273 20.01 -8.40 -14.06
N TRP B 274 21.02 -7.76 -14.63
CA TRP B 274 21.53 -6.51 -14.06
C TRP B 274 21.64 -5.31 -14.99
N HIS B 275 21.31 -4.14 -14.44
CA HIS B 275 21.37 -2.85 -15.10
C HIS B 275 20.79 -2.82 -16.51
#